data_2IRN
#
_entry.id   2IRN
#
_cell.length_a   1.000
_cell.length_b   1.000
_cell.length_c   1.000
_cell.angle_alpha   90.00
_cell.angle_beta   90.00
_cell.angle_gamma   90.00
#
_symmetry.space_group_name_H-M   'P 1'
#
_entity_poly.entity_id   1
_entity_poly.type   'polyribonucleotide'
_entity_poly.pdbx_seq_one_letter_code
;GCUGAGGCU
;
_entity_poly.pdbx_strand_id   A,B
#